data_7ELG
#
_entry.id   7ELG
#
_cell.length_a   35.108
_cell.length_b   54.766
_cell.length_c   60.792
_cell.angle_alpha   90.000
_cell.angle_beta   90.000
_cell.angle_gamma   90.000
#
_symmetry.space_group_name_H-M   'P 21 21 21'
#
loop_
_entity.id
_entity.type
_entity.pdbx_description
1 polymer 'Microtubule-associated proteins 1A/1B light chain 3B'
2 non-polymer 2-methylidene-5-thiophen-2-yl-cyclohexane-1,3-dione
3 non-polymer 'SULFATE ION'
4 water water
#
_entity_poly.entity_id   1
_entity_poly.type   'polypeptide(L)'
_entity_poly.pdbx_seq_one_letter_code
;GSPEFPSEKTFKQRRTFEQRVEDVRLIREQHPTKIPVIIERYKGEKQLPVLDKTKFLVPDHVNMSELIKIIRRRLQLNAN
QAFFLLVNGHSMVSVSTPISEVYESEKDEDGFLYMVYASQETF
;
_entity_poly.pdbx_strand_id   A
#
loop_
_chem_comp.id
_chem_comp.type
_chem_comp.name
_chem_comp.formula
8Z6 non-polymer 2-methylidene-5-thiophen-2-yl-cyclohexane-1,3-dione 'C11 H10 O2 S'
SO4 non-polymer 'SULFATE ION' 'O4 S -2'
#
# COMPACT_ATOMS: atom_id res chain seq x y z
N SER A 2 -0.26 -24.71 2.26
CA SER A 2 -1.01 -25.94 2.11
C SER A 2 -2.01 -25.84 0.96
N PRO A 3 -2.07 -26.88 0.13
CA PRO A 3 -3.03 -26.90 -0.99
C PRO A 3 -4.48 -27.00 -0.54
N GLU A 4 -4.74 -27.29 0.74
CA GLU A 4 -6.12 -27.36 1.22
C GLU A 4 -6.73 -25.97 1.37
N PHE A 5 -5.92 -24.95 1.58
CA PHE A 5 -6.44 -23.62 1.83
C PHE A 5 -6.23 -22.72 0.60
N PRO A 6 -7.18 -21.83 0.32
CA PRO A 6 -7.04 -20.99 -0.88
C PRO A 6 -5.84 -20.07 -0.79
N SER A 7 -5.24 -19.83 -1.96
CA SER A 7 -4.12 -18.92 -2.04
C SER A 7 -4.60 -17.49 -1.84
N GLU A 8 -3.71 -16.65 -1.33
CA GLU A 8 -4.00 -15.23 -1.19
C GLU A 8 -4.06 -14.58 -2.57
N LYS A 9 -5.11 -13.83 -2.85
CA LYS A 9 -5.26 -13.16 -4.14
C LYS A 9 -5.07 -11.66 -3.98
N THR A 10 -4.29 -11.08 -4.87
CA THR A 10 -3.94 -9.67 -4.78
C THR A 10 -5.04 -8.80 -5.39
N PHE A 11 -4.94 -7.51 -5.12
CA PHE A 11 -5.90 -6.55 -5.68
C PHE A 11 -5.96 -6.62 -7.19
N LYS A 12 -4.80 -6.71 -7.85
CA LYS A 12 -4.81 -6.76 -9.31
C LYS A 12 -5.42 -8.05 -9.83
N GLN A 13 -5.42 -9.12 -9.03
CA GLN A 13 -6.12 -10.34 -9.43
C GLN A 13 -7.61 -10.26 -9.15
N ARG A 14 -8.03 -9.43 -8.19
CA ARG A 14 -9.45 -9.29 -7.87
C ARG A 14 -10.17 -8.33 -8.81
N ARG A 15 -9.49 -7.30 -9.31
CA ARG A 15 -10.09 -6.28 -10.16
C ARG A 15 -9.30 -6.16 -11.45
N THR A 16 -10.01 -6.10 -12.59
CA THR A 16 -9.27 -6.00 -13.84
C THR A 16 -8.64 -4.62 -13.97
N PHE A 17 -7.69 -4.53 -14.90
CA PHE A 17 -7.03 -3.26 -15.16
C PHE A 17 -8.04 -2.19 -15.56
N GLU A 18 -9.01 -2.56 -16.40
CA GLU A 18 -10.01 -1.60 -16.86
C GLU A 18 -10.85 -1.10 -15.69
N GLN A 19 -11.25 -2.00 -14.78
CA GLN A 19 -11.98 -1.55 -13.60
C GLN A 19 -11.12 -0.65 -12.73
N ARG A 20 -9.86 -1.03 -12.50
CA ARG A 20 -8.97 -0.22 -11.69
C ARG A 20 -8.77 1.16 -12.30
N VAL A 21 -8.57 1.26 -13.62
CA VAL A 21 -8.43 2.57 -14.25
C VAL A 21 -9.66 3.42 -13.99
N GLU A 22 -10.84 2.82 -14.06
CA GLU A 22 -12.06 3.62 -13.88
C GLU A 22 -12.30 3.93 -12.42
N ASP A 23 -11.93 3.03 -11.51
CA ASP A 23 -12.00 3.33 -10.07
C ASP A 23 -11.22 4.59 -9.77
N VAL A 24 -10.00 4.69 -10.29
CA VAL A 24 -9.15 5.84 -9.99
C VAL A 24 -9.76 7.11 -10.56
N ARG A 25 -10.33 7.04 -11.76
CA ARG A 25 -10.98 8.21 -12.33
C ARG A 25 -12.14 8.68 -11.47
N LEU A 26 -12.93 7.74 -10.95
CA LEU A 26 -14.00 8.08 -10.03
C LEU A 26 -13.45 8.70 -8.76
N ILE A 27 -12.40 8.09 -8.19
CA ILE A 27 -11.82 8.57 -6.94
C ILE A 27 -11.25 9.96 -7.13
N ARG A 28 -10.50 10.16 -8.22
CA ARG A 28 -9.86 11.46 -8.45
C ARG A 28 -10.91 12.56 -8.62
N GLU A 29 -12.03 12.23 -9.25
CA GLU A 29 -13.08 13.22 -9.48
C GLU A 29 -13.75 13.62 -8.17
N GLN A 30 -14.06 12.63 -7.32
CA GLN A 30 -14.78 12.89 -6.07
C GLN A 30 -13.85 13.37 -4.94
N HIS A 31 -12.58 12.99 -4.97
CA HIS A 31 -11.63 13.33 -3.89
C HIS A 31 -10.31 13.80 -4.47
N PRO A 32 -10.26 15.01 -5.04
CA PRO A 32 -9.03 15.48 -5.68
C PRO A 32 -7.85 15.67 -4.73
N THR A 33 -8.08 15.73 -3.42
CA THR A 33 -7.01 15.91 -2.46
C THR A 33 -6.54 14.59 -1.85
N LYS A 34 -7.11 13.46 -2.28
CA LYS A 34 -6.70 12.17 -1.77
C LYS A 34 -5.88 11.42 -2.80
N ILE A 35 -4.92 10.66 -2.31
CA ILE A 35 -4.09 9.78 -3.15
C ILE A 35 -4.65 8.38 -3.02
N PRO A 36 -4.97 7.69 -4.14
CA PRO A 36 -5.50 6.33 -4.04
C PRO A 36 -4.36 5.32 -3.91
N VAL A 37 -4.29 4.66 -2.76
CA VAL A 37 -3.18 3.77 -2.40
C VAL A 37 -3.73 2.37 -2.15
N ILE A 38 -3.02 1.39 -2.69
CA ILE A 38 -3.28 -0.03 -2.45
C ILE A 38 -2.15 -0.55 -1.57
N ILE A 39 -2.48 -1.10 -0.39
CA ILE A 39 -1.45 -1.53 0.56
C ILE A 39 -1.68 -3.01 0.82
N GLU A 40 -0.67 -3.82 0.53
CA GLU A 40 -0.80 -5.27 0.60
C GLU A 40 0.40 -5.89 1.31
N ARG A 41 0.15 -7.02 1.98
CA ARG A 41 1.24 -7.77 2.60
C ARG A 41 2.03 -8.55 1.54
N TYR A 42 3.36 -8.49 1.63
CA TYR A 42 4.21 -9.29 0.75
C TYR A 42 3.79 -10.76 0.74
N LYS A 43 3.80 -11.34 -0.46
CA LYS A 43 3.27 -12.69 -0.66
C LYS A 43 3.94 -13.71 0.25
N GLY A 44 5.24 -13.59 0.47
CA GLY A 44 5.94 -14.57 1.28
C GLY A 44 6.02 -14.26 2.77
N GLU A 45 5.25 -13.31 3.27
CA GLU A 45 5.42 -12.80 4.62
C GLU A 45 4.89 -13.77 5.66
N LYS A 46 5.71 -14.05 6.68
CA LYS A 46 5.34 -14.99 7.72
C LYS A 46 5.31 -14.37 9.12
N GLN A 47 5.70 -13.11 9.29
CA GLN A 47 5.76 -12.51 10.63
C GLN A 47 4.73 -11.41 10.86
N LEU A 48 4.12 -10.86 9.81
CA LEU A 48 3.21 -9.73 9.99
C LEU A 48 1.79 -10.14 9.65
N PRO A 49 0.81 -9.63 10.37
CA PRO A 49 -0.59 -9.97 10.09
C PRO A 49 -1.12 -9.25 8.86
N VAL A 50 -2.30 -9.69 8.42
CA VAL A 50 -2.98 -9.13 7.26
C VAL A 50 -3.69 -7.85 7.68
N LEU A 51 -3.77 -6.90 6.76
CA LEU A 51 -4.42 -5.63 7.00
C LEU A 51 -5.92 -5.75 6.80
N ASP A 52 -6.70 -5.00 7.58
CA ASP A 52 -8.15 -5.10 7.51
C ASP A 52 -8.75 -4.34 6.33
N LYS A 53 -7.94 -3.69 5.51
CA LYS A 53 -8.41 -3.02 4.31
C LYS A 53 -7.29 -3.11 3.27
N THR A 54 -7.66 -2.92 2.01
CA THR A 54 -6.66 -2.86 0.93
C THR A 54 -6.50 -1.49 0.33
N LYS A 55 -7.59 -0.80 0.07
CA LYS A 55 -7.56 0.51 -0.58
C LYS A 55 -7.67 1.62 0.46
N PHE A 56 -6.75 2.58 0.38
CA PHE A 56 -6.69 3.71 1.28
C PHE A 56 -6.74 4.98 0.45
N LEU A 57 -7.58 5.93 0.85
CA LEU A 57 -7.57 7.26 0.23
C LEU A 57 -6.80 8.19 1.16
N VAL A 58 -5.51 8.37 0.88
CA VAL A 58 -4.63 9.06 1.81
C VAL A 58 -4.60 10.55 1.52
N PRO A 59 -4.88 11.42 2.49
CA PRO A 59 -4.75 12.87 2.24
C PRO A 59 -3.39 13.20 1.66
N ASP A 60 -3.38 14.08 0.66
CA ASP A 60 -2.19 14.26 -0.16
C ASP A 60 -1.03 14.92 0.57
N HIS A 61 -1.26 15.53 1.73
CA HIS A 61 -0.21 16.14 2.53
C HIS A 61 0.52 15.17 3.45
N VAL A 62 -0.01 13.97 3.64
CA VAL A 62 0.58 13.01 4.56
C VAL A 62 1.92 12.54 4.00
N ASN A 63 2.93 12.47 4.86
CA ASN A 63 4.22 11.97 4.37
C ASN A 63 4.40 10.50 4.71
N MET A 64 5.45 9.92 4.15
CA MET A 64 5.64 8.47 4.25
C MET A 64 5.87 8.03 5.69
N SER A 65 6.61 8.83 6.47
CA SER A 65 6.82 8.49 7.88
C SER A 65 5.49 8.40 8.62
N GLU A 66 4.57 9.33 8.34
CA GLU A 66 3.27 9.31 8.98
C GLU A 66 2.44 8.11 8.55
N LEU A 67 2.50 7.75 7.26
CA LEU A 67 1.75 6.62 6.76
C LEU A 67 2.25 5.33 7.38
N ILE A 68 3.58 5.20 7.55
CA ILE A 68 4.13 4.01 8.19
C ILE A 68 3.57 3.86 9.60
N LYS A 69 3.53 4.96 10.37
CA LYS A 69 2.97 4.87 11.71
C LYS A 69 1.50 4.45 11.65
N ILE A 70 0.74 4.98 10.69
CA ILE A 70 -0.67 4.62 10.55
C ILE A 70 -0.83 3.13 10.29
N ILE A 71 -0.02 2.55 9.40
CA ILE A 71 -0.17 1.13 9.10
C ILE A 71 0.30 0.27 10.28
N ARG A 72 1.42 0.63 10.92
CA ARG A 72 1.85 -0.11 12.10
C ARG A 72 0.74 -0.16 13.14
N ARG A 73 0.02 0.96 13.29
CA ARG A 73 -1.07 1.03 14.26
C ARG A 73 -2.24 0.14 13.84
N ARG A 74 -2.61 0.18 12.55
CA ARG A 74 -3.69 -0.67 12.08
C ARG A 74 -3.39 -2.14 12.27
N LEU A 75 -2.12 -2.53 12.12
CA LEU A 75 -1.69 -3.91 12.32
C LEU A 75 -1.50 -4.26 13.79
N GLN A 76 -1.64 -3.28 14.68
CA GLN A 76 -1.47 -3.47 16.12
C GLN A 76 -0.08 -4.02 16.46
N LEU A 77 0.94 -3.51 15.77
CA LEU A 77 2.29 -4.00 16.03
C LEU A 77 2.83 -3.45 17.33
N ASN A 78 3.64 -4.23 17.99
CA ASN A 78 4.38 -3.69 19.11
C ASN A 78 5.72 -3.16 18.62
N ALA A 79 6.45 -2.50 19.52
CA ALA A 79 7.67 -1.87 19.05
C ALA A 79 8.79 -2.87 18.73
N ASN A 80 8.68 -4.12 19.14
CA ASN A 80 9.76 -5.05 18.82
C ASN A 80 9.55 -5.73 17.48
N GLN A 81 8.54 -5.33 16.70
CA GLN A 81 8.26 -5.91 15.39
C GLN A 81 8.71 -4.96 14.28
N ALA A 82 9.54 -5.48 13.38
CA ALA A 82 9.99 -4.71 12.24
C ALA A 82 8.90 -4.63 11.19
N PHE A 83 8.94 -3.54 10.42
CA PHE A 83 7.92 -3.29 9.41
C PHE A 83 8.56 -2.41 8.36
N PHE A 84 8.51 -2.85 7.11
CA PHE A 84 9.03 -2.07 5.99
C PHE A 84 7.92 -1.90 4.96
N LEU A 85 7.87 -0.70 4.38
CA LEU A 85 6.88 -0.37 3.37
C LEU A 85 7.63 -0.10 2.08
N LEU A 86 7.34 -0.90 1.04
CA LEU A 86 8.08 -0.86 -0.21
C LEU A 86 7.19 -0.34 -1.34
N VAL A 87 7.74 0.54 -2.16
CA VAL A 87 7.08 1.02 -3.38
C VAL A 87 8.01 0.72 -4.54
N ASN A 88 7.50 0.00 -5.55
CA ASN A 88 8.25 -0.36 -6.76
C ASN A 88 9.69 -0.78 -6.45
N GLY A 89 9.82 -1.69 -5.50
CA GLY A 89 11.12 -2.28 -5.26
C GLY A 89 12.08 -1.47 -4.43
N HIS A 90 11.61 -0.46 -3.70
CA HIS A 90 12.53 0.21 -2.79
C HIS A 90 11.80 0.71 -1.56
N SER A 91 12.57 0.85 -0.49
CA SER A 91 12.02 1.10 0.83
C SER A 91 11.65 2.57 1.00
N MET A 92 10.48 2.79 1.59
CA MET A 92 10.04 4.14 1.92
C MET A 92 10.31 4.50 3.37
N VAL A 93 11.00 3.62 4.09
CA VAL A 93 11.08 3.72 5.55
C VAL A 93 11.92 4.92 5.99
N SER A 94 12.88 5.32 5.18
CA SER A 94 13.75 6.40 5.71
C SER A 94 13.18 7.79 5.45
N VAL A 95 12.00 7.92 4.88
CA VAL A 95 11.74 9.27 4.29
C VAL A 95 10.52 10.04 4.79
N SER A 96 10.60 11.36 4.60
CA SER A 96 9.53 12.27 4.95
C SER A 96 8.82 12.86 3.72
N THR A 97 8.95 12.22 2.57
CA THR A 97 8.37 12.76 1.35
C THR A 97 6.85 12.78 1.47
N PRO A 98 6.19 13.89 1.13
CA PRO A 98 4.71 13.87 1.10
C PRO A 98 4.23 12.92 0.03
N ILE A 99 3.12 12.24 0.32
CA ILE A 99 2.65 11.17 -0.56
C ILE A 99 2.23 11.71 -1.92
N SER A 100 1.81 12.99 -1.99
CA SER A 100 1.51 13.59 -3.29
C SER A 100 2.66 13.44 -4.28
N GLU A 101 3.90 13.60 -3.80
CA GLU A 101 5.08 13.50 -4.67
C GLU A 101 5.41 12.06 -5.00
N VAL A 102 5.27 11.16 -4.01
CA VAL A 102 5.42 9.73 -4.26
C VAL A 102 4.43 9.27 -5.33
N TYR A 103 3.19 9.76 -5.25
CA TYR A 103 2.18 9.41 -6.25
C TYR A 103 2.65 9.78 -7.66
N GLU A 104 3.12 11.01 -7.84
CA GLU A 104 3.49 11.41 -9.18
C GLU A 104 4.70 10.64 -9.70
N SER A 105 5.61 10.24 -8.81
CA SER A 105 6.81 9.51 -9.23
C SER A 105 6.55 8.02 -9.45
N GLU A 106 5.66 7.42 -8.65
CA GLU A 106 5.63 5.97 -8.52
C GLU A 106 4.31 5.30 -8.88
N LYS A 107 3.27 6.06 -9.25
CA LYS A 107 1.97 5.44 -9.47
C LYS A 107 1.98 4.46 -10.63
N ASP A 108 1.15 3.42 -10.49
CA ASP A 108 0.88 2.45 -11.55
C ASP A 108 0.21 3.09 -12.76
N GLU A 109 0.32 2.39 -13.90
CA GLU A 109 -0.43 2.81 -15.08
C GLU A 109 -1.95 2.90 -14.80
N ASP A 110 -2.50 2.03 -13.94
CA ASP A 110 -3.93 2.12 -13.65
C ASP A 110 -4.30 3.33 -12.80
N GLY A 111 -3.33 4.08 -12.27
CA GLY A 111 -3.62 5.24 -11.45
C GLY A 111 -3.51 5.02 -9.96
N PHE A 112 -3.42 3.78 -9.51
CA PHE A 112 -3.19 3.50 -8.10
C PHE A 112 -1.71 3.55 -7.76
N LEU A 113 -1.41 3.94 -6.53
CA LEU A 113 -0.07 3.81 -5.95
C LEU A 113 -0.04 2.53 -5.12
N TYR A 114 0.79 1.56 -5.53
CA TYR A 114 0.87 0.27 -4.85
C TYR A 114 2.02 0.23 -3.85
N MET A 115 1.73 -0.31 -2.67
CA MET A 115 2.74 -0.51 -1.64
C MET A 115 2.62 -1.93 -1.10
N VAL A 116 3.77 -2.49 -0.74
CA VAL A 116 3.86 -3.84 -0.16
C VAL A 116 4.57 -3.72 1.17
N TYR A 117 4.07 -4.40 2.19
CA TYR A 117 4.76 -4.37 3.47
C TYR A 117 5.29 -5.75 3.82
N ALA A 118 6.38 -5.74 4.58
CA ALA A 118 7.09 -6.97 4.92
C ALA A 118 7.89 -6.71 6.19
N SER A 119 8.37 -7.81 6.80
CA SER A 119 9.22 -7.70 7.99
C SER A 119 10.69 -7.68 7.62
N GLN A 120 10.99 -7.61 6.31
CA GLN A 120 12.34 -7.53 5.77
C GLN A 120 12.33 -6.54 4.60
N GLU A 121 13.49 -5.94 4.31
CA GLU A 121 13.56 -4.89 3.30
C GLU A 121 13.85 -5.38 1.89
N THR A 122 14.48 -6.55 1.75
CA THR A 122 14.70 -7.15 0.44
C THR A 122 14.28 -8.61 0.49
N PHE A 123 13.79 -9.11 -0.64
CA PHE A 123 13.31 -10.48 -0.72
C PHE A 123 13.20 -10.96 -2.16
CAA 8Z6 B . -9.69 3.73 5.09
CAB 8Z6 B . -9.88 5.13 5.15
CAC 8Z6 B . -10.34 5.70 6.32
CAE 8Z6 B . -10.53 7.09 6.39
CAF 8Z6 B . -9.58 7.80 5.46
CAG 8Z6 B . -9.79 9.34 5.52
CAH 8Z6 B . -8.82 10.27 5.64
CAI 8Z6 B . -9.29 11.53 5.67
CAJ 8Z6 B . -10.62 11.67 5.58
CAL 8Z6 B . -9.80 7.27 4.04
CAM 8Z6 B . -9.61 5.88 4.01
OAD 8Z6 B . -10.58 5.00 7.30
OAN 8Z6 B . -9.23 5.32 2.98
SAK 8Z6 B . -11.25 10.13 5.45
S SO4 C . -1.90 -4.89 -14.69
O1 SO4 C . -3.22 -5.48 -14.94
O2 SO4 C . -1.00 -5.89 -14.14
O3 SO4 C . -1.36 -4.39 -15.95
O4 SO4 C . -2.04 -3.78 -13.73
#